data_1BG9
#
_entry.id   1BG9
#
_cell.length_a   135.200
_cell.length_b   135.200
_cell.length_c   79.600
_cell.angle_alpha   90.00
_cell.angle_beta   90.00
_cell.angle_gamma   120.00
#
_symmetry.space_group_name_H-M   'P 31 2 1'
#
loop_
_entity.id
_entity.type
_entity.pdbx_description
1 polymer '1,4-ALPHA-D-GLUCAN GLUCANOHYDROLASE'
2 branched 4,6-dideoxy-4-{[(1S,5R,6S)-3-formyl-5,6-dihydroxy-4-oxocyclohex-2-en-1-yl]amino}-alpha-D-xylo-hex-5-enopyranose-(1-4)-beta-D-glucopyranose
3 non-polymer 'CALCIUM ION'
4 non-polymer 4,6-dideoxy-4-{[(1S,4S,5S,6S)-4,5,6-trihydroxy-3-(hydroxymethyl)cyclohex-2-en-1-yl]amino}-beta-D-glucopyranose
5 water water
#
_entity_poly.entity_id   1
_entity_poly.type   'polypeptide(L)'
_entity_poly.pdbx_seq_one_letter_code
;QVLFQGFNWESWKHNGGWYNFLMGKVDDIAAAGITHVWLPPASQSVAEQGYMPGRLYDLDASKYGNKAQLKSLIGALHGK
GVKAIADIVINHRTAEHKDGRGIYCIFEGGTPDARLDWGPHMICRDDRPYADGTGNPDTGADFGAAPDIDHLNLRVQKEL
VEWLNWLKADIGFDGWRFDFAKGYSADVAKIYIDRSEPSFAVAEIWTSLAYGGDGKPNLNQDQHRQELVNWVDKVGGKGP
ATTFDFTTKGILNVAVEGELWRLRGTDGKAPGMIGWWPAKAVTFVDNHDTGSTQHMWPFPSDRVMQGYAYILTHPGTPCI
FYDHFFDWGLKEEIDRLVSVRTRHGIHNESKLQIIEADADLYLAEIDGKVIVKLGPRYDVGNLIPGGFKVAAHGNDYAVW
EKI
;
_entity_poly.pdbx_strand_id   A
#
loop_
_chem_comp.id
_chem_comp.type
_chem_comp.name
_chem_comp.formula
AF1 D-saccharide, beta linking 4,6-dideoxy-4-{[(1S,4S,5S,6S)-4,5,6-trihydroxy-3-(hydroxymethyl)cyclohex-2-en-1-yl]amino}-beta-D-glucopyranose 'C13 H23 N O8'
BGC D-saccharide, beta linking beta-D-glucopyranose 'C6 H12 O6'
CA non-polymer 'CALCIUM ION' 'Ca 2'
DAF D-saccharide, alpha linking 4,6-dideoxy-4-{[(1S,5R,6S)-3-formyl-5,6-dihydroxy-4-oxocyclohex-2-en-1-yl]amino}-alpha-D-xylo-hex-5-enopyranose 'C13 H17 N O8'
#
# COMPACT_ATOMS: atom_id res chain seq x y z
N GLN A 1 8.12 -3.56 11.21
CA GLN A 1 7.09 -4.10 10.34
C GLN A 1 7.68 -3.54 9.07
N VAL A 2 8.24 -4.31 8.16
CA VAL A 2 8.53 -3.66 6.92
C VAL A 2 7.72 -4.53 5.97
N LEU A 3 6.88 -3.88 5.15
CA LEU A 3 6.07 -4.57 4.17
C LEU A 3 6.79 -4.70 2.83
N PHE A 4 6.39 -5.69 2.01
CA PHE A 4 6.90 -5.85 0.66
C PHE A 4 5.64 -6.00 -0.19
N GLN A 5 5.64 -5.56 -1.47
CA GLN A 5 4.52 -5.65 -2.38
C GLN A 5 4.95 -6.76 -3.30
N GLY A 6 4.36 -7.94 -3.16
CA GLY A 6 4.88 -9.08 -3.88
C GLY A 6 4.34 -9.22 -5.26
N PHE A 7 4.25 -8.17 -6.07
CA PHE A 7 3.73 -8.23 -7.45
C PHE A 7 3.87 -6.88 -8.11
N ASN A 8 3.65 -6.78 -9.40
CA ASN A 8 3.60 -5.50 -10.08
C ASN A 8 2.58 -5.62 -11.20
N TRP A 9 2.50 -4.70 -12.13
CA TRP A 9 1.42 -4.71 -13.10
C TRP A 9 1.53 -5.83 -14.11
N GLU A 10 2.69 -6.40 -14.25
CA GLU A 10 2.89 -7.37 -15.28
C GLU A 10 2.81 -8.75 -14.72
N SER A 11 2.68 -8.88 -13.40
CA SER A 11 2.86 -10.17 -12.77
C SER A 11 1.93 -11.28 -13.24
N TRP A 12 0.70 -10.91 -13.62
CA TRP A 12 -0.25 -11.90 -14.07
C TRP A 12 0.25 -12.60 -15.32
N LYS A 13 1.04 -11.91 -16.13
CA LYS A 13 1.58 -12.43 -17.37
C LYS A 13 2.61 -13.50 -17.22
N HIS A 14 3.20 -13.62 -16.04
CA HIS A 14 4.37 -14.48 -15.86
C HIS A 14 4.28 -15.93 -16.35
N ASN A 15 5.31 -16.37 -17.07
CA ASN A 15 5.33 -17.76 -17.50
C ASN A 15 5.32 -18.73 -16.33
N GLY A 16 4.30 -19.57 -16.31
CA GLY A 16 4.22 -20.58 -15.29
C GLY A 16 3.50 -20.12 -14.04
N GLY A 17 3.01 -18.88 -13.95
CA GLY A 17 2.28 -18.41 -12.76
C GLY A 17 3.12 -17.72 -11.70
N TRP A 18 2.65 -16.54 -11.37
CA TRP A 18 3.24 -15.68 -10.40
C TRP A 18 3.28 -16.29 -9.01
N TYR A 19 2.26 -16.95 -8.46
CA TYR A 19 2.39 -17.43 -7.07
C TYR A 19 3.49 -18.47 -7.07
N ASN A 20 3.53 -19.33 -8.07
CA ASN A 20 4.58 -20.33 -8.23
C ASN A 20 5.95 -19.70 -8.29
N PHE A 21 6.03 -18.62 -9.04
CA PHE A 21 7.25 -17.89 -9.21
C PHE A 21 7.70 -17.38 -7.85
N LEU A 22 6.76 -16.76 -7.17
CA LEU A 22 6.99 -16.15 -5.90
C LEU A 22 7.41 -17.17 -4.83
N MET A 23 7.03 -18.45 -4.93
CA MET A 23 7.53 -19.51 -4.05
C MET A 23 9.05 -19.41 -3.92
N GLY A 24 9.72 -19.24 -5.05
CA GLY A 24 11.16 -19.14 -5.11
C GLY A 24 11.73 -17.96 -4.38
N LYS A 25 11.02 -16.83 -4.17
CA LYS A 25 11.60 -15.65 -3.54
C LYS A 25 11.30 -15.56 -2.05
N VAL A 26 10.57 -16.51 -1.49
CA VAL A 26 10.20 -16.44 -0.08
C VAL A 26 11.35 -16.36 0.90
N ASP A 27 12.43 -17.06 0.65
CA ASP A 27 13.57 -17.07 1.56
C ASP A 27 14.26 -15.72 1.56
N ASP A 28 14.46 -15.18 0.37
CA ASP A 28 15.09 -13.89 0.18
C ASP A 28 14.29 -12.83 0.87
N ILE A 29 12.98 -12.94 0.70
CA ILE A 29 12.09 -11.97 1.28
C ILE A 29 12.13 -12.06 2.79
N ALA A 30 12.14 -13.28 3.28
CA ALA A 30 12.12 -13.51 4.72
C ALA A 30 13.40 -12.95 5.31
N ALA A 31 14.49 -13.23 4.61
CA ALA A 31 15.82 -12.79 4.96
C ALA A 31 16.00 -11.29 4.98
N ALA A 32 15.43 -10.51 4.07
CA ALA A 32 15.57 -9.05 4.09
C ALA A 32 15.05 -8.42 5.34
N GLY A 33 14.23 -9.14 6.12
CA GLY A 33 13.66 -8.59 7.33
C GLY A 33 12.23 -8.12 7.09
N ILE A 34 11.62 -8.65 6.02
CA ILE A 34 10.28 -8.30 5.61
C ILE A 34 9.35 -9.12 6.47
N THR A 35 8.35 -8.41 6.96
CA THR A 35 7.39 -8.97 7.88
C THR A 35 6.06 -9.20 7.20
N HIS A 36 5.69 -8.50 6.12
CA HIS A 36 4.39 -8.75 5.49
C HIS A 36 4.54 -8.66 4.01
N VAL A 37 3.89 -9.50 3.18
CA VAL A 37 3.93 -9.25 1.76
C VAL A 37 2.50 -9.12 1.29
N TRP A 38 2.28 -8.13 0.42
CA TRP A 38 0.97 -7.77 -0.09
C TRP A 38 0.87 -8.47 -1.41
N LEU A 39 -0.09 -9.37 -1.47
CA LEU A 39 -0.30 -10.23 -2.61
C LEU A 39 -1.35 -9.61 -3.50
N PRO A 40 -1.43 -9.84 -4.80
CA PRO A 40 -2.37 -9.18 -5.71
C PRO A 40 -3.76 -9.73 -5.55
N PRO A 41 -4.84 -9.17 -6.06
CA PRO A 41 -6.16 -9.76 -5.97
C PRO A 41 -6.32 -11.20 -6.42
N ALA A 42 -6.76 -11.99 -5.49
CA ALA A 42 -6.90 -13.41 -5.72
C ALA A 42 -8.06 -13.94 -6.56
N SER A 43 -9.28 -13.39 -6.54
CA SER A 43 -10.44 -13.92 -7.28
C SER A 43 -10.41 -13.64 -8.79
N GLN A 44 -11.41 -14.27 -9.37
CA GLN A 44 -11.73 -14.15 -10.76
C GLN A 44 -12.03 -12.71 -11.01
N SER A 45 -11.37 -12.17 -12.01
CA SER A 45 -11.50 -10.80 -12.41
C SER A 45 -11.60 -10.80 -13.91
N VAL A 46 -12.31 -9.81 -14.38
CA VAL A 46 -12.51 -9.60 -15.80
C VAL A 46 -11.20 -9.05 -16.35
N ALA A 47 -10.50 -8.25 -15.56
CA ALA A 47 -9.27 -7.62 -15.93
C ALA A 47 -8.28 -8.57 -15.30
N GLU A 48 -7.31 -8.96 -16.10
CA GLU A 48 -6.32 -9.92 -15.68
C GLU A 48 -5.51 -9.64 -14.46
N GLN A 49 -5.29 -8.37 -14.14
CA GLN A 49 -4.50 -8.05 -12.96
C GLN A 49 -5.29 -8.21 -11.71
N GLY A 50 -6.61 -8.29 -11.75
CA GLY A 50 -7.33 -8.62 -10.55
C GLY A 50 -8.28 -7.56 -10.09
N TYR A 51 -8.17 -6.31 -10.52
CA TYR A 51 -8.94 -5.23 -9.91
C TYR A 51 -10.33 -4.99 -10.41
N MET A 52 -10.84 -6.06 -11.00
CA MET A 52 -12.17 -5.97 -11.53
C MET A 52 -12.97 -7.25 -11.20
N PRO A 53 -13.09 -7.60 -9.91
CA PRO A 53 -13.53 -8.91 -9.44
C PRO A 53 -14.96 -9.26 -9.72
N GLY A 54 -15.17 -10.56 -9.89
CA GLY A 54 -16.49 -11.08 -10.11
C GLY A 54 -16.79 -12.19 -9.11
N ARG A 55 -16.35 -13.40 -9.41
CA ARG A 55 -16.70 -14.49 -8.55
C ARG A 55 -15.72 -14.51 -7.44
N LEU A 56 -16.00 -13.70 -6.43
CA LEU A 56 -15.15 -13.56 -5.26
C LEU A 56 -14.67 -14.83 -4.66
N TYR A 57 -15.42 -15.91 -4.59
CA TYR A 57 -14.93 -17.14 -3.98
C TYR A 57 -14.17 -18.02 -4.94
N ASP A 58 -14.20 -17.67 -6.22
CA ASP A 58 -13.51 -18.47 -7.21
C ASP A 58 -12.09 -17.98 -7.33
N LEU A 59 -11.21 -18.44 -6.45
CA LEU A 59 -9.80 -18.07 -6.58
C LEU A 59 -9.14 -18.82 -7.72
N ASP A 60 -9.74 -19.88 -8.25
CA ASP A 60 -9.11 -20.64 -9.30
C ASP A 60 -8.98 -19.96 -10.66
N ALA A 61 -9.90 -19.10 -11.07
CA ALA A 61 -9.75 -18.39 -12.33
C ALA A 61 -8.71 -17.28 -12.22
N SER A 62 -7.98 -17.03 -11.12
CA SER A 62 -6.99 -15.98 -11.12
C SER A 62 -5.92 -16.35 -12.11
N LYS A 63 -5.46 -15.33 -12.77
CA LYS A 63 -4.38 -15.48 -13.71
C LYS A 63 -3.10 -15.60 -12.91
N TYR A 64 -3.03 -15.40 -11.61
CA TYR A 64 -1.77 -15.49 -10.89
C TYR A 64 -1.46 -16.90 -10.50
N GLY A 65 -2.56 -17.63 -10.40
CA GLY A 65 -2.54 -19.00 -10.01
C GLY A 65 -3.86 -19.41 -9.41
N ASN A 66 -3.98 -20.64 -8.96
CA ASN A 66 -5.24 -21.11 -8.41
C ASN A 66 -5.18 -21.19 -6.88
N LYS A 67 -6.31 -21.45 -6.22
CA LYS A 67 -6.40 -21.56 -4.76
C LYS A 67 -5.33 -22.45 -4.18
N ALA A 68 -5.09 -23.61 -4.75
CA ALA A 68 -4.04 -24.50 -4.29
C ALA A 68 -2.68 -23.80 -4.23
N GLN A 69 -2.29 -23.05 -5.26
CA GLN A 69 -1.01 -22.36 -5.30
C GLN A 69 -0.97 -21.23 -4.30
N LEU A 70 -2.08 -20.50 -4.10
CA LEU A 70 -2.13 -19.41 -3.16
C LEU A 70 -1.79 -19.95 -1.79
N LYS A 71 -2.46 -21.03 -1.38
CA LYS A 71 -2.30 -21.56 -0.05
C LYS A 71 -0.91 -22.06 0.16
N SER A 72 -0.28 -22.62 -0.86
CA SER A 72 1.10 -23.05 -0.74
C SER A 72 1.97 -21.80 -0.51
N LEU A 73 1.83 -20.74 -1.29
CA LEU A 73 2.59 -19.53 -1.10
C LEU A 73 2.35 -18.96 0.29
N ILE A 74 1.11 -18.86 0.74
CA ILE A 74 0.85 -18.25 2.04
C ILE A 74 1.42 -19.19 3.09
N GLY A 75 1.43 -20.50 2.82
CA GLY A 75 2.01 -21.48 3.71
C GLY A 75 3.50 -21.25 3.88
N ALA A 76 4.14 -20.99 2.76
CA ALA A 76 5.57 -20.77 2.74
C ALA A 76 5.89 -19.48 3.47
N LEU A 77 5.16 -18.39 3.20
CA LEU A 77 5.45 -17.14 3.83
C LEU A 77 5.30 -17.34 5.31
N HIS A 78 4.23 -18.05 5.69
CA HIS A 78 4.00 -18.22 7.09
C HIS A 78 5.08 -19.08 7.70
N GLY A 79 5.52 -20.12 7.01
CA GLY A 79 6.52 -21.00 7.56
C GLY A 79 7.82 -20.26 7.80
N LYS A 80 8.03 -19.16 7.09
CA LYS A 80 9.21 -18.37 7.22
C LYS A 80 8.99 -17.17 8.09
N GLY A 81 7.88 -17.04 8.78
CA GLY A 81 7.75 -15.92 9.69
C GLY A 81 6.99 -14.78 9.07
N VAL A 82 6.74 -14.71 7.75
CA VAL A 82 6.07 -13.52 7.27
C VAL A 82 4.57 -13.72 7.04
N LYS A 83 3.88 -12.61 7.24
CA LYS A 83 2.45 -12.52 7.03
C LYS A 83 2.11 -12.16 5.57
N ALA A 84 0.88 -12.41 5.20
CA ALA A 84 0.49 -12.28 3.82
C ALA A 84 -0.65 -11.32 3.92
N ILE A 85 -0.71 -10.21 3.19
CA ILE A 85 -1.88 -9.38 3.30
C ILE A 85 -2.51 -9.36 1.91
N ALA A 86 -3.83 -9.26 1.84
CA ALA A 86 -4.59 -9.43 0.62
C ALA A 86 -5.21 -8.17 0.06
N ASP A 87 -5.26 -8.03 -1.25
CA ASP A 87 -5.84 -6.85 -1.89
C ASP A 87 -7.32 -7.12 -1.97
N ILE A 88 -8.07 -6.41 -1.15
CA ILE A 88 -9.52 -6.57 -1.06
C ILE A 88 -10.10 -5.50 -1.97
N VAL A 89 -10.67 -5.93 -3.10
CA VAL A 89 -11.23 -4.98 -4.01
C VAL A 89 -12.69 -5.20 -3.75
N ILE A 90 -13.34 -4.35 -2.97
CA ILE A 90 -14.76 -4.55 -2.70
C ILE A 90 -15.57 -3.29 -2.96
N ASN A 91 -14.98 -2.27 -3.57
CA ASN A 91 -15.80 -1.11 -3.88
C ASN A 91 -16.81 -1.38 -4.98
N HIS A 92 -16.37 -2.22 -5.90
CA HIS A 92 -17.06 -2.49 -7.14
C HIS A 92 -16.90 -3.96 -7.43
N ARG A 93 -17.73 -4.54 -8.26
CA ARG A 93 -17.67 -5.95 -8.57
C ARG A 93 -18.23 -6.08 -9.97
N THR A 94 -17.85 -7.03 -10.79
CA THR A 94 -18.46 -7.15 -12.09
C THR A 94 -19.43 -8.30 -12.03
N ALA A 95 -20.48 -8.25 -12.85
CA ALA A 95 -21.53 -9.26 -12.87
C ALA A 95 -21.34 -10.30 -13.93
N GLU A 96 -21.86 -11.41 -13.50
CA GLU A 96 -21.79 -12.66 -14.22
C GLU A 96 -22.89 -12.77 -15.25
N HIS A 97 -24.08 -12.26 -14.91
CA HIS A 97 -25.27 -12.51 -15.71
C HIS A 97 -26.08 -11.29 -15.92
N LYS A 98 -26.79 -11.29 -17.06
CA LYS A 98 -27.69 -10.21 -17.36
C LYS A 98 -29.00 -10.53 -16.69
N ASP A 99 -29.61 -9.46 -16.23
CA ASP A 99 -30.92 -9.59 -15.70
C ASP A 99 -31.85 -9.38 -16.88
N GLY A 100 -33.11 -9.20 -16.49
CA GLY A 100 -34.21 -8.90 -17.38
C GLY A 100 -33.97 -7.73 -18.32
N ARG A 101 -33.33 -6.66 -17.83
CA ARG A 101 -33.06 -5.48 -18.64
C ARG A 101 -31.97 -5.74 -19.67
N GLY A 102 -31.32 -6.89 -19.66
CA GLY A 102 -30.17 -7.10 -20.51
C GLY A 102 -28.94 -6.47 -19.89
N ILE A 103 -28.97 -6.05 -18.61
CA ILE A 103 -27.84 -5.40 -17.97
C ILE A 103 -27.13 -6.42 -17.12
N TYR A 104 -25.83 -6.35 -17.17
CA TYR A 104 -25.05 -7.25 -16.36
C TYR A 104 -25.10 -6.81 -14.93
N CYS A 105 -26.08 -7.26 -14.21
CA CYS A 105 -26.12 -6.88 -12.83
C CYS A 105 -26.45 -8.06 -11.96
N ILE A 106 -26.24 -9.31 -12.40
CA ILE A 106 -26.40 -10.46 -11.53
C ILE A 106 -25.05 -11.13 -11.33
N PHE A 107 -24.77 -11.06 -10.05
CA PHE A 107 -23.49 -11.46 -9.52
C PHE A 107 -23.50 -12.93 -9.23
N GLU A 108 -22.29 -13.48 -9.22
CA GLU A 108 -22.13 -14.86 -8.88
C GLU A 108 -20.93 -14.99 -7.99
N GLY A 109 -21.16 -15.35 -6.73
CA GLY A 109 -20.10 -15.56 -5.76
C GLY A 109 -19.07 -16.60 -6.13
N GLY A 110 -19.34 -17.50 -7.06
CA GLY A 110 -18.42 -18.59 -7.33
C GLY A 110 -18.78 -19.93 -6.70
N THR A 111 -19.85 -20.09 -5.88
CA THR A 111 -20.22 -21.38 -5.29
C THR A 111 -21.63 -21.79 -5.66
N PRO A 112 -22.03 -23.08 -5.56
CA PRO A 112 -23.34 -23.58 -5.97
C PRO A 112 -24.43 -22.97 -5.14
N ASP A 113 -24.08 -22.43 -3.98
CA ASP A 113 -25.05 -21.77 -3.19
C ASP A 113 -25.17 -20.31 -3.59
N ALA A 114 -25.77 -19.52 -2.71
CA ALA A 114 -26.09 -18.13 -2.91
C ALA A 114 -25.14 -17.10 -2.36
N ARG A 115 -24.11 -17.46 -1.59
CA ARG A 115 -23.16 -16.50 -1.08
C ARG A 115 -22.64 -15.70 -2.24
N LEU A 116 -22.89 -14.43 -1.99
CA LEU A 116 -22.53 -13.36 -2.89
C LEU A 116 -23.27 -13.38 -4.21
N ASP A 117 -24.37 -14.08 -4.43
CA ASP A 117 -25.02 -14.03 -5.71
C ASP A 117 -26.02 -12.89 -5.66
N TRP A 118 -25.58 -11.64 -5.63
CA TRP A 118 -26.53 -10.53 -5.54
C TRP A 118 -27.01 -10.18 -6.93
N GLY A 119 -27.89 -9.21 -6.96
CA GLY A 119 -28.45 -8.64 -8.17
C GLY A 119 -28.53 -7.12 -7.99
N PRO A 120 -29.22 -6.36 -8.81
CA PRO A 120 -29.16 -4.90 -8.87
C PRO A 120 -29.46 -4.17 -7.58
N HIS A 121 -30.18 -4.84 -6.70
CA HIS A 121 -30.52 -4.21 -5.45
C HIS A 121 -29.29 -4.00 -4.57
N MET A 122 -28.23 -4.80 -4.74
CA MET A 122 -27.07 -4.56 -3.92
C MET A 122 -26.15 -3.61 -4.66
N ILE A 123 -26.57 -2.95 -5.75
CA ILE A 123 -25.74 -1.97 -6.40
C ILE A 123 -26.31 -0.62 -5.97
N CYS A 124 -25.40 0.26 -5.58
CA CYS A 124 -25.65 1.62 -5.15
C CYS A 124 -26.64 2.29 -6.03
N ARG A 125 -27.68 2.81 -5.36
CA ARG A 125 -28.83 3.46 -6.01
C ARG A 125 -28.59 4.11 -7.37
N ASP A 126 -27.52 4.90 -7.44
CA ASP A 126 -27.33 5.71 -8.60
C ASP A 126 -26.35 5.23 -9.64
N ASP A 127 -25.85 4.01 -9.69
CA ASP A 127 -24.79 3.70 -10.62
C ASP A 127 -25.43 3.08 -11.82
N ARG A 128 -26.05 3.95 -12.58
CA ARG A 128 -26.64 3.55 -13.83
C ARG A 128 -25.57 3.14 -14.84
N PRO A 129 -25.79 2.18 -15.72
CA PRO A 129 -27.03 1.42 -15.85
C PRO A 129 -27.21 0.22 -14.95
N TYR A 130 -26.21 -0.08 -14.15
CA TYR A 130 -26.18 -1.34 -13.44
C TYR A 130 -27.23 -1.34 -12.35
N ALA A 131 -27.30 -0.25 -11.62
CA ALA A 131 -28.23 -0.11 -10.50
C ALA A 131 -29.63 -0.21 -10.98
N ASP A 132 -30.55 -0.66 -10.15
CA ASP A 132 -31.97 -0.61 -10.51
C ASP A 132 -32.65 0.47 -9.67
N GLY A 133 -31.90 1.40 -9.10
CA GLY A 133 -32.45 2.44 -8.27
C GLY A 133 -32.90 1.99 -6.89
N THR A 134 -32.96 0.72 -6.52
CA THR A 134 -33.49 0.37 -5.22
C THR A 134 -32.46 0.20 -4.12
N GLY A 135 -31.17 0.32 -4.37
CA GLY A 135 -30.22 0.10 -3.30
C GLY A 135 -29.97 1.46 -2.70
N ASN A 136 -29.12 1.51 -1.67
CA ASN A 136 -28.75 2.74 -1.00
C ASN A 136 -27.77 3.46 -1.89
N PRO A 137 -27.60 4.77 -1.81
CA PRO A 137 -26.57 5.46 -2.55
C PRO A 137 -25.18 5.12 -2.08
N ASP A 138 -24.24 5.49 -2.92
CA ASP A 138 -22.88 5.14 -2.64
C ASP A 138 -22.37 5.93 -1.44
N THR A 139 -21.70 5.24 -0.53
CA THR A 139 -21.01 5.79 0.62
C THR A 139 -19.72 6.55 0.29
N GLY A 140 -19.29 6.52 -0.96
CA GLY A 140 -18.02 7.07 -1.36
C GLY A 140 -18.03 7.20 -2.85
N ALA A 141 -16.84 7.26 -3.40
CA ALA A 141 -16.70 7.43 -4.83
C ALA A 141 -17.11 6.19 -5.63
N ASP A 142 -17.35 6.53 -6.87
CA ASP A 142 -17.71 5.62 -7.91
C ASP A 142 -16.48 5.33 -8.76
N PHE A 143 -16.55 4.06 -9.16
CA PHE A 143 -15.63 3.50 -10.12
C PHE A 143 -16.55 3.39 -11.34
N GLY A 144 -16.17 4.06 -12.42
CA GLY A 144 -16.93 4.20 -13.66
C GLY A 144 -17.23 2.87 -14.29
N ALA A 145 -16.18 2.19 -14.68
CA ALA A 145 -16.22 0.92 -15.38
C ALA A 145 -16.99 -0.21 -14.73
N ALA A 146 -17.34 -0.22 -13.45
CA ALA A 146 -18.13 -1.32 -12.91
C ALA A 146 -19.21 -0.99 -11.89
N PRO A 147 -20.15 -1.92 -11.60
CA PRO A 147 -21.10 -1.87 -10.48
C PRO A 147 -20.46 -1.52 -9.17
N ASP A 148 -21.07 -0.60 -8.42
CA ASP A 148 -20.47 -0.27 -7.15
C ASP A 148 -21.33 -0.97 -6.15
N ILE A 149 -20.71 -1.69 -5.22
CA ILE A 149 -21.46 -2.39 -4.21
C ILE A 149 -21.96 -1.38 -3.17
N ASP A 150 -23.21 -1.58 -2.79
CA ASP A 150 -23.93 -0.78 -1.78
C ASP A 150 -23.51 -1.37 -0.45
N HIS A 151 -22.52 -0.82 0.22
CA HIS A 151 -22.06 -1.41 1.45
C HIS A 151 -22.94 -1.10 2.61
N LEU A 152 -24.04 -0.40 2.46
CA LEU A 152 -24.96 -0.23 3.56
C LEU A 152 -25.97 -1.35 3.58
N ASN A 153 -26.11 -2.14 2.51
CA ASN A 153 -27.03 -3.27 2.52
C ASN A 153 -26.49 -4.34 3.47
N LEU A 154 -27.35 -4.90 4.32
CA LEU A 154 -26.92 -5.85 5.32
C LEU A 154 -26.56 -7.20 4.82
N ARG A 155 -27.13 -7.64 3.70
CA ARG A 155 -26.71 -8.94 3.20
C ARG A 155 -25.29 -8.78 2.67
N VAL A 156 -25.00 -7.64 2.04
CA VAL A 156 -23.68 -7.32 1.52
C VAL A 156 -22.71 -7.37 2.67
N GLN A 157 -22.97 -6.62 3.73
CA GLN A 157 -22.10 -6.64 4.85
C GLN A 157 -21.92 -8.04 5.39
N LYS A 158 -22.96 -8.90 5.50
CA LYS A 158 -22.69 -10.22 6.02
C LYS A 158 -21.93 -11.16 5.15
N GLU A 159 -22.23 -11.18 3.86
CA GLU A 159 -21.58 -12.12 2.98
C GLU A 159 -20.16 -11.69 2.69
N LEU A 160 -19.93 -10.37 2.61
CA LEU A 160 -18.59 -9.89 2.41
C LEU A 160 -17.82 -10.15 3.71
N VAL A 161 -18.34 -10.01 4.94
CA VAL A 161 -17.57 -10.39 6.13
C VAL A 161 -17.36 -11.92 6.14
N GLU A 162 -18.30 -12.76 5.70
CA GLU A 162 -18.03 -14.19 5.63
C GLU A 162 -16.88 -14.46 4.69
N TRP A 163 -16.84 -13.74 3.53
CA TRP A 163 -15.81 -13.99 2.55
C TRP A 163 -14.45 -13.58 3.11
N LEU A 164 -14.38 -12.43 3.78
CA LEU A 164 -13.18 -11.97 4.49
C LEU A 164 -12.71 -13.00 5.51
N ASN A 165 -13.61 -13.52 6.35
CA ASN A 165 -13.19 -14.52 7.31
C ASN A 165 -12.81 -15.80 6.59
N TRP A 166 -13.34 -16.11 5.41
CA TRP A 166 -12.90 -17.30 4.71
C TRP A 166 -11.48 -17.14 4.20
N LEU A 167 -11.18 -15.99 3.61
CA LEU A 167 -9.84 -15.65 3.17
C LEU A 167 -8.90 -15.76 4.35
N LYS A 168 -9.27 -15.33 5.57
CA LYS A 168 -8.37 -15.53 6.72
C LYS A 168 -8.28 -16.99 7.06
N ALA A 169 -9.40 -17.61 7.31
CA ALA A 169 -9.46 -18.99 7.74
C ALA A 169 -9.11 -20.01 6.66
N ASP A 170 -9.84 -20.19 5.58
CA ASP A 170 -9.48 -21.22 4.65
C ASP A 170 -8.30 -20.77 3.86
N ILE A 171 -8.05 -19.48 3.53
CA ILE A 171 -6.92 -19.26 2.63
C ILE A 171 -5.72 -18.90 3.44
N GLY A 172 -5.81 -18.16 4.53
CA GLY A 172 -4.62 -17.92 5.33
C GLY A 172 -4.21 -16.47 5.39
N PHE A 173 -4.98 -15.56 4.79
CA PHE A 173 -4.56 -14.19 4.81
C PHE A 173 -4.56 -13.57 6.21
N ASP A 174 -3.58 -12.73 6.48
CA ASP A 174 -3.47 -12.11 7.77
C ASP A 174 -4.06 -10.73 7.82
N GLY A 175 -4.13 -9.99 6.72
CA GLY A 175 -4.56 -8.63 6.83
C GLY A 175 -5.05 -8.15 5.53
N TRP A 176 -5.44 -6.91 5.35
CA TRP A 176 -6.07 -6.49 4.11
C TRP A 176 -5.44 -5.24 3.58
N ARG A 177 -5.37 -5.02 2.27
CA ARG A 177 -5.08 -3.69 1.78
C ARG A 177 -6.39 -3.43 1.08
N PHE A 178 -7.08 -2.33 1.37
CA PHE A 178 -8.39 -2.05 0.81
C PHE A 178 -8.23 -1.19 -0.41
N ASP A 179 -8.42 -1.82 -1.54
CA ASP A 179 -8.36 -1.15 -2.82
C ASP A 179 -9.39 -0.03 -2.89
N PHE A 180 -8.95 1.10 -3.42
CA PHE A 180 -9.82 2.23 -3.69
C PHE A 180 -10.76 2.51 -2.55
N ALA A 181 -10.16 2.74 -1.40
CA ALA A 181 -10.94 2.90 -0.19
C ALA A 181 -11.66 4.23 -0.19
N LYS A 182 -11.41 5.12 -1.16
CA LYS A 182 -12.27 6.28 -1.41
C LYS A 182 -13.62 5.79 -1.93
N GLY A 183 -13.76 4.52 -2.27
CA GLY A 183 -14.96 4.02 -2.88
C GLY A 183 -16.13 3.95 -1.97
N TYR A 184 -15.86 3.90 -0.66
CA TYR A 184 -16.84 3.73 0.39
C TYR A 184 -16.36 4.45 1.64
N SER A 185 -17.26 4.73 2.57
CA SER A 185 -16.95 5.49 3.77
C SER A 185 -16.10 4.77 4.78
N ALA A 186 -15.40 5.54 5.62
CA ALA A 186 -14.54 4.91 6.64
C ALA A 186 -15.34 4.05 7.62
N ASP A 187 -16.63 4.36 7.69
CA ASP A 187 -17.57 3.64 8.51
C ASP A 187 -17.84 2.24 7.99
N VAL A 188 -18.02 2.16 6.68
CA VAL A 188 -18.24 0.87 6.09
C VAL A 188 -16.98 0.10 6.27
N ALA A 189 -15.83 0.73 6.02
CA ALA A 189 -14.58 -0.01 6.11
C ALA A 189 -14.42 -0.57 7.51
N LYS A 190 -14.75 0.26 8.51
CA LYS A 190 -14.66 -0.10 9.91
C LYS A 190 -15.40 -1.40 10.20
N ILE A 191 -16.63 -1.58 9.72
CA ILE A 191 -17.29 -2.87 9.89
C ILE A 191 -16.41 -3.98 9.39
N TYR A 192 -15.88 -3.89 8.16
CA TYR A 192 -15.13 -5.00 7.65
C TYR A 192 -13.87 -5.26 8.43
N ILE A 193 -13.24 -4.21 8.94
CA ILE A 193 -12.00 -4.39 9.66
C ILE A 193 -12.27 -4.99 11.01
N ASP A 194 -13.24 -4.41 11.68
CA ASP A 194 -13.63 -4.83 13.00
C ASP A 194 -14.14 -6.24 13.07
N ARG A 195 -15.00 -6.57 12.13
CA ARG A 195 -15.58 -7.88 12.14
C ARG A 195 -14.68 -8.93 11.52
N SER A 196 -13.68 -8.62 10.70
CA SER A 196 -12.84 -9.68 10.21
C SER A 196 -11.63 -9.77 11.10
N GLU A 197 -11.39 -8.71 11.90
CA GLU A 197 -10.25 -8.60 12.81
C GLU A 197 -8.91 -8.97 12.17
N PRO A 198 -8.38 -8.21 11.21
CA PRO A 198 -7.07 -8.47 10.60
C PRO A 198 -5.96 -8.10 11.57
N SER A 199 -4.76 -8.64 11.38
CA SER A 199 -3.67 -8.21 12.20
C SER A 199 -3.03 -6.99 11.61
N PHE A 200 -3.44 -6.59 10.40
CA PHE A 200 -2.89 -5.45 9.73
C PHE A 200 -3.88 -5.10 8.64
N ALA A 201 -4.07 -3.82 8.34
CA ALA A 201 -4.94 -3.44 7.26
C ALA A 201 -4.44 -2.10 6.78
N VAL A 202 -4.28 -1.84 5.51
CA VAL A 202 -3.80 -0.54 5.05
C VAL A 202 -4.80 -0.13 3.99
N ALA A 203 -5.29 1.10 3.99
CA ALA A 203 -6.26 1.51 2.99
C ALA A 203 -5.51 2.26 1.91
N GLU A 204 -6.03 2.23 0.69
CA GLU A 204 -5.44 3.02 -0.37
C GLU A 204 -6.30 4.21 -0.72
N ILE A 205 -6.01 5.35 -0.09
CA ILE A 205 -6.70 6.60 -0.31
C ILE A 205 -5.75 7.39 -1.20
N TRP A 206 -6.00 7.59 -2.49
CA TRP A 206 -5.04 8.29 -3.32
C TRP A 206 -5.69 9.53 -3.87
N THR A 207 -5.29 10.74 -3.45
CA THR A 207 -5.82 11.94 -4.08
C THR A 207 -4.69 12.84 -4.56
N SER A 208 -4.93 13.93 -5.25
CA SER A 208 -3.86 14.72 -5.85
C SER A 208 -3.29 15.61 -4.80
N LEU A 209 -2.07 16.03 -5.06
CA LEU A 209 -1.41 16.96 -4.21
C LEU A 209 -1.89 18.36 -4.60
N ALA A 210 -1.69 19.35 -3.74
CA ALA A 210 -2.01 20.70 -4.10
C ALA A 210 -0.85 21.24 -4.90
N TYR A 211 -1.13 21.84 -6.03
CA TYR A 211 -0.10 22.37 -6.91
C TYR A 211 -0.14 23.88 -6.96
N GLY A 212 1.04 24.44 -6.89
CA GLY A 212 1.17 25.87 -6.83
C GLY A 212 1.30 26.51 -8.20
N GLY A 213 1.45 27.83 -8.06
CA GLY A 213 1.62 28.71 -9.21
C GLY A 213 3.08 28.63 -9.67
N ASP A 214 3.39 27.51 -10.35
CA ASP A 214 4.71 27.14 -10.85
C ASP A 214 4.67 25.72 -11.41
N GLY A 215 3.54 25.00 -11.32
CA GLY A 215 3.44 23.67 -11.88
C GLY A 215 4.04 22.60 -10.98
N LYS A 216 4.43 22.95 -9.76
CA LYS A 216 5.07 22.01 -8.87
C LYS A 216 4.26 21.91 -7.62
N PRO A 217 4.32 20.86 -6.81
CA PRO A 217 3.50 20.70 -5.64
C PRO A 217 3.88 21.74 -4.63
N ASN A 218 2.92 22.10 -3.84
CA ASN A 218 3.20 22.97 -2.73
C ASN A 218 4.03 22.28 -1.69
N LEU A 219 4.79 23.04 -0.94
CA LEU A 219 5.54 22.51 0.18
C LEU A 219 4.57 22.03 1.27
N ASN A 220 3.50 22.76 1.44
CA ASN A 220 2.55 22.39 2.45
C ASN A 220 1.55 21.48 1.79
N GLN A 221 1.36 20.27 2.32
CA GLN A 221 0.34 19.39 1.72
C GLN A 221 -0.52 18.88 2.85
N ASP A 222 -0.90 19.84 3.69
CA ASP A 222 -1.67 19.50 4.85
C ASP A 222 -3.09 19.08 4.52
N GLN A 223 -3.74 19.58 3.46
CA GLN A 223 -5.06 19.12 3.08
C GLN A 223 -4.97 17.65 2.67
N HIS A 224 -3.87 17.32 1.99
CA HIS A 224 -3.64 15.98 1.52
C HIS A 224 -3.39 15.02 2.67
N ARG A 225 -2.48 15.23 3.61
CA ARG A 225 -2.37 14.25 4.67
C ARG A 225 -3.54 14.34 5.64
N GLN A 226 -4.29 15.43 5.80
CA GLN A 226 -5.40 15.47 6.74
C GLN A 226 -6.38 14.37 6.41
N GLU A 227 -6.70 14.25 5.13
CA GLU A 227 -7.57 13.22 4.63
C GLU A 227 -7.14 11.79 4.99
N LEU A 228 -5.86 11.46 4.96
CA LEU A 228 -5.40 10.16 5.41
C LEU A 228 -5.62 10.00 6.91
N VAL A 229 -5.20 11.00 7.68
CA VAL A 229 -5.26 10.99 9.14
C VAL A 229 -6.69 10.87 9.57
N ASN A 230 -7.60 11.51 8.86
CA ASN A 230 -9.02 11.43 9.13
C ASN A 230 -9.61 10.05 8.91
N TRP A 231 -9.23 9.32 7.85
CA TRP A 231 -9.79 8.01 7.60
C TRP A 231 -9.43 7.15 8.81
N VAL A 232 -8.17 7.23 9.25
CA VAL A 232 -7.71 6.43 10.37
C VAL A 232 -8.44 6.79 11.66
N ASP A 233 -8.83 8.03 11.84
CA ASP A 233 -9.63 8.39 13.00
C ASP A 233 -10.96 7.73 12.93
N LYS A 234 -11.73 7.90 11.86
CA LYS A 234 -13.07 7.33 11.80
C LYS A 234 -13.05 5.82 11.86
N VAL A 235 -12.07 5.22 11.22
CA VAL A 235 -12.01 3.79 11.20
C VAL A 235 -11.71 3.32 12.59
N GLY A 236 -10.84 4.04 13.30
CA GLY A 236 -10.48 3.70 14.65
C GLY A 236 -8.99 3.76 14.86
N GLY A 237 -8.52 4.81 15.54
CA GLY A 237 -7.11 4.97 15.85
C GLY A 237 -6.48 3.81 16.64
N LYS A 238 -7.28 2.99 17.32
CA LYS A 238 -6.76 1.86 18.08
C LYS A 238 -6.72 0.58 17.27
N GLY A 239 -7.25 0.65 16.06
CA GLY A 239 -7.32 -0.52 15.22
C GLY A 239 -5.94 -0.85 14.67
N PRO A 240 -5.93 -1.88 13.83
CA PRO A 240 -4.81 -2.18 12.94
C PRO A 240 -4.83 -1.32 11.67
N ALA A 241 -5.65 -0.27 11.56
CA ALA A 241 -5.85 0.38 10.29
C ALA A 241 -4.75 1.42 9.98
N THR A 242 -4.23 1.48 8.77
CA THR A 242 -3.24 2.45 8.37
C THR A 242 -3.63 2.89 6.96
N THR A 243 -3.01 3.92 6.40
CA THR A 243 -3.26 4.31 5.02
C THR A 243 -1.92 4.42 4.34
N PHE A 244 -1.81 4.19 3.04
CA PHE A 244 -0.54 4.43 2.39
C PHE A 244 -0.30 5.96 2.44
N ASP A 245 0.94 6.40 2.70
CA ASP A 245 1.31 7.78 2.76
C ASP A 245 1.66 8.30 1.38
N PHE A 246 0.60 8.69 0.69
CA PHE A 246 0.81 9.19 -0.64
C PHE A 246 1.44 10.54 -0.62
N THR A 247 1.31 11.25 0.50
CA THR A 247 1.88 12.60 0.65
C THR A 247 3.43 12.57 0.59
N THR A 248 4.05 11.71 1.36
CA THR A 248 5.47 11.57 1.36
C THR A 248 5.88 11.11 -0.02
N LYS A 249 5.20 10.14 -0.62
CA LYS A 249 5.54 9.68 -1.96
C LYS A 249 5.45 10.86 -2.90
N GLY A 250 4.40 11.64 -2.91
CA GLY A 250 4.30 12.76 -3.85
C GLY A 250 5.41 13.78 -3.70
N ILE A 251 5.72 14.14 -2.46
CA ILE A 251 6.74 15.12 -2.14
C ILE A 251 8.10 14.60 -2.55
N LEU A 252 8.42 13.44 -2.10
CA LEU A 252 9.70 12.83 -2.31
C LEU A 252 10.03 12.79 -3.78
N ASN A 253 9.03 12.46 -4.55
CA ASN A 253 9.14 12.37 -6.00
C ASN A 253 9.81 13.59 -6.58
N VAL A 254 9.46 14.75 -6.01
CA VAL A 254 9.92 16.02 -6.47
C VAL A 254 11.17 16.42 -5.74
N ALA A 255 11.15 16.19 -4.43
CA ALA A 255 12.19 16.63 -3.52
C ALA A 255 13.54 16.13 -3.95
N VAL A 256 13.54 14.90 -4.39
CA VAL A 256 14.74 14.18 -4.73
C VAL A 256 15.45 14.80 -5.92
N GLU A 257 14.74 15.47 -6.83
CA GLU A 257 15.39 16.12 -7.94
C GLU A 257 15.86 17.51 -7.47
N GLY A 258 16.82 17.53 -6.56
CA GLY A 258 17.42 18.77 -6.12
C GLY A 258 16.51 19.75 -5.38
N GLU A 259 15.43 19.32 -4.80
CA GLU A 259 14.63 20.20 -4.00
C GLU A 259 14.45 19.57 -2.64
N LEU A 260 15.50 19.00 -2.01
CA LEU A 260 15.38 18.36 -0.72
C LEU A 260 14.90 19.27 0.39
N TRP A 261 14.87 20.60 0.23
CA TRP A 261 14.25 21.48 1.24
C TRP A 261 12.77 21.16 1.44
N ARG A 262 12.14 20.58 0.42
CA ARG A 262 10.76 20.13 0.45
C ARG A 262 10.48 19.15 1.58
N LEU A 263 11.52 18.51 2.10
CA LEU A 263 11.37 17.54 3.16
C LEU A 263 11.25 18.11 4.56
N ARG A 264 11.19 19.41 4.86
CA ARG A 264 11.06 19.96 6.21
C ARG A 264 9.82 20.76 5.94
N GLY A 265 8.74 20.41 6.59
CA GLY A 265 7.52 21.08 6.31
C GLY A 265 7.46 22.45 6.91
N THR A 266 6.27 23.01 6.79
CA THR A 266 5.96 24.33 7.30
C THR A 266 6.27 24.39 8.79
N ASP A 267 6.01 23.29 9.49
CA ASP A 267 6.23 23.23 10.91
C ASP A 267 7.60 22.70 11.26
N GLY A 268 8.55 22.56 10.35
CA GLY A 268 9.82 21.95 10.72
C GLY A 268 9.78 20.46 10.97
N LYS A 269 8.63 19.80 10.73
CA LYS A 269 8.46 18.36 10.88
C LYS A 269 8.33 17.79 9.48
N ALA A 270 8.35 16.46 9.31
CA ALA A 270 8.28 15.83 7.99
C ALA A 270 6.99 16.25 7.34
N PRO A 271 6.95 16.48 6.04
CA PRO A 271 5.79 17.03 5.38
C PRO A 271 4.66 16.03 5.09
N GLY A 272 4.94 14.73 5.14
CA GLY A 272 3.97 13.71 4.78
C GLY A 272 3.14 13.27 5.96
N MET A 273 2.46 12.13 5.88
CA MET A 273 1.57 11.74 6.96
C MET A 273 2.39 11.42 8.19
N ILE A 274 3.58 10.86 8.01
CA ILE A 274 4.51 10.53 9.08
C ILE A 274 4.93 11.70 9.98
N GLY A 275 4.62 12.93 9.57
CA GLY A 275 4.89 14.07 10.40
C GLY A 275 3.73 14.25 11.37
N TRP A 276 2.52 13.70 11.10
CA TRP A 276 1.42 13.85 12.03
C TRP A 276 1.13 12.52 12.64
N TRP A 277 1.04 11.41 11.92
CA TRP A 277 0.71 10.16 12.59
C TRP A 277 1.52 8.99 12.06
N PRO A 278 2.83 9.00 12.26
CA PRO A 278 3.77 8.04 11.70
C PRO A 278 3.36 6.62 11.93
N ALA A 279 2.75 6.42 13.08
CA ALA A 279 2.31 5.11 13.48
C ALA A 279 1.37 4.48 12.47
N LYS A 280 0.40 5.26 12.00
CA LYS A 280 -0.65 4.80 11.14
C LYS A 280 -0.37 5.07 9.69
N ALA A 281 0.89 5.33 9.31
CA ALA A 281 1.24 5.68 7.95
C ALA A 281 2.15 4.65 7.30
N VAL A 282 1.92 4.03 6.12
CA VAL A 282 2.93 3.12 5.54
C VAL A 282 3.40 3.79 4.26
N THR A 283 4.73 3.90 4.19
CA THR A 283 5.45 4.69 3.22
C THR A 283 5.90 3.84 2.07
N PHE A 284 6.11 4.44 0.91
CA PHE A 284 6.57 3.69 -0.25
C PHE A 284 7.24 4.65 -1.23
N VAL A 285 8.10 4.09 -2.07
CA VAL A 285 8.77 4.84 -3.13
C VAL A 285 7.91 4.69 -4.38
N ASP A 286 7.34 3.51 -4.65
CA ASP A 286 6.46 3.32 -5.80
C ASP A 286 5.68 2.03 -5.63
N ASN A 287 4.61 1.87 -6.43
CA ASN A 287 3.82 0.65 -6.40
C ASN A 287 3.37 0.33 -7.82
N HIS A 288 2.54 -0.71 -7.97
CA HIS A 288 2.13 -1.17 -9.31
C HIS A 288 1.46 -0.13 -10.19
N ASP A 289 0.93 0.92 -9.59
CA ASP A 289 0.32 2.00 -10.31
C ASP A 289 1.28 3.14 -10.58
N THR A 290 1.87 3.70 -9.52
CA THR A 290 2.74 4.86 -9.68
C THR A 290 3.92 4.46 -10.57
N GLY A 291 4.43 3.25 -10.38
CA GLY A 291 5.56 2.75 -11.10
C GLY A 291 5.13 1.63 -12.01
N SER A 292 6.00 0.62 -12.09
CA SER A 292 5.85 -0.58 -12.91
C SER A 292 5.60 -0.15 -14.34
N THR A 293 4.79 -0.84 -15.15
CA THR A 293 4.53 -0.44 -16.50
C THR A 293 3.42 0.58 -16.58
N GLN A 294 2.80 0.99 -15.49
CA GLN A 294 1.74 1.98 -15.59
C GLN A 294 2.31 3.35 -15.52
N HIS A 295 3.36 3.60 -14.71
CA HIS A 295 4.06 4.88 -14.69
C HIS A 295 3.14 6.01 -14.40
N MET A 296 2.28 5.86 -13.41
CA MET A 296 1.35 6.94 -13.17
C MET A 296 1.93 8.10 -12.39
N TRP A 297 2.97 7.84 -11.58
CA TRP A 297 3.52 8.83 -10.71
C TRP A 297 4.85 8.25 -10.32
N PRO A 298 5.79 7.95 -11.23
CA PRO A 298 7.00 7.25 -10.88
C PRO A 298 7.96 8.07 -10.08
N PHE A 299 8.73 7.38 -9.26
CA PHE A 299 9.84 8.00 -8.55
C PHE A 299 10.89 8.16 -9.65
N PRO A 300 11.66 9.26 -9.74
CA PRO A 300 12.80 9.42 -10.60
C PRO A 300 13.70 8.22 -10.47
N SER A 301 13.89 7.48 -11.54
CA SER A 301 14.64 6.23 -11.56
C SER A 301 16.06 6.26 -11.05
N ASP A 302 16.83 7.27 -11.42
CA ASP A 302 18.22 7.38 -10.99
C ASP A 302 18.35 7.76 -9.53
N ARG A 303 17.20 7.88 -8.86
CA ARG A 303 17.11 8.28 -7.49
C ARG A 303 16.31 7.36 -6.60
N VAL A 304 15.83 6.17 -7.03
CA VAL A 304 15.03 5.41 -6.10
C VAL A 304 15.81 5.11 -4.85
N MET A 305 17.13 4.92 -4.84
CA MET A 305 17.75 4.67 -3.54
C MET A 305 17.68 5.84 -2.60
N GLN A 306 17.60 7.11 -3.02
CA GLN A 306 17.48 8.15 -2.02
C GLN A 306 16.10 8.01 -1.38
N GLY A 307 15.14 7.46 -2.13
CA GLY A 307 13.79 7.23 -1.66
C GLY A 307 13.78 6.16 -0.59
N TYR A 308 14.46 5.04 -0.87
CA TYR A 308 14.53 4.00 0.16
C TYR A 308 15.42 4.43 1.32
N ALA A 309 16.49 5.22 1.17
CA ALA A 309 17.29 5.72 2.28
C ALA A 309 16.35 6.52 3.16
N TYR A 310 15.46 7.33 2.58
CA TYR A 310 14.49 8.06 3.38
C TYR A 310 13.47 7.13 4.03
N ILE A 311 12.67 6.33 3.28
CA ILE A 311 11.55 5.65 3.93
C ILE A 311 12.07 4.60 4.88
N LEU A 312 13.16 3.93 4.53
CA LEU A 312 13.68 2.91 5.41
C LEU A 312 14.30 3.42 6.70
N THR A 313 14.70 4.68 6.84
CA THR A 313 15.32 5.11 8.09
C THR A 313 14.33 5.88 8.92
N HIS A 314 13.28 6.34 8.28
CA HIS A 314 12.34 7.24 8.91
C HIS A 314 11.14 6.61 9.60
N PRO A 315 10.42 7.25 10.50
CA PRO A 315 9.20 6.68 11.05
C PRO A 315 8.12 6.32 10.00
N GLY A 316 6.96 5.76 10.36
CA GLY A 316 6.07 5.23 9.37
C GLY A 316 6.48 3.80 9.16
N THR A 317 5.70 2.99 8.44
CA THR A 317 6.02 1.59 8.20
C THR A 317 6.37 1.46 6.72
N PRO A 318 7.59 1.12 6.35
CA PRO A 318 8.03 1.14 4.95
C PRO A 318 7.50 -0.02 4.14
N CYS A 319 7.33 0.19 2.84
CA CYS A 319 6.86 -0.85 1.96
C CYS A 319 7.86 -0.95 0.83
N ILE A 320 8.58 -2.03 0.67
CA ILE A 320 9.51 -2.16 -0.43
C ILE A 320 8.69 -2.68 -1.62
N PHE A 321 8.94 -2.21 -2.83
CA PHE A 321 8.22 -2.58 -4.01
C PHE A 321 9.01 -3.67 -4.70
N TYR A 322 8.31 -4.70 -5.19
CA TYR A 322 8.88 -5.87 -5.80
C TYR A 322 10.05 -5.54 -6.68
N ASP A 323 9.80 -4.81 -7.77
CA ASP A 323 10.79 -4.44 -8.78
C ASP A 323 12.11 -3.87 -8.29
N HIS A 324 12.07 -3.00 -7.29
CA HIS A 324 13.29 -2.38 -6.85
C HIS A 324 14.20 -3.42 -6.23
N PHE A 325 13.56 -4.21 -5.38
CA PHE A 325 14.24 -5.19 -4.60
C PHE A 325 14.75 -6.28 -5.51
N PHE A 326 13.88 -6.88 -6.33
CA PHE A 326 14.30 -8.00 -7.14
C PHE A 326 14.78 -7.69 -8.54
N ASP A 327 14.39 -6.61 -9.23
CA ASP A 327 14.74 -6.45 -10.64
C ASP A 327 15.65 -5.32 -11.04
N TRP A 328 15.86 -4.40 -10.11
CA TRP A 328 16.70 -3.27 -10.38
C TRP A 328 18.12 -3.43 -9.89
N GLY A 329 18.31 -4.49 -9.10
CA GLY A 329 19.63 -4.75 -8.57
C GLY A 329 19.89 -3.98 -7.31
N LEU A 330 18.89 -3.34 -6.73
CA LEU A 330 19.12 -2.60 -5.52
C LEU A 330 19.03 -3.49 -4.29
N LYS A 331 18.84 -4.80 -4.45
CA LYS A 331 18.61 -5.72 -3.33
C LYS A 331 19.46 -5.55 -2.10
N GLU A 332 20.75 -5.46 -2.39
CA GLU A 332 21.73 -5.35 -1.35
C GLU A 332 21.68 -3.99 -0.71
N GLU A 333 21.50 -2.88 -1.45
CA GLU A 333 21.52 -1.62 -0.76
C GLU A 333 20.30 -1.50 0.09
N ILE A 334 19.18 -1.99 -0.44
CA ILE A 334 17.91 -2.05 0.31
C ILE A 334 18.02 -2.91 1.55
N ASP A 335 18.62 -4.09 1.44
CA ASP A 335 18.86 -4.94 2.60
C ASP A 335 19.58 -4.19 3.69
N ARG A 336 20.72 -3.57 3.31
CA ARG A 336 21.57 -2.88 4.25
C ARG A 336 20.75 -1.85 4.99
N LEU A 337 19.93 -1.09 4.27
CA LEU A 337 19.07 -0.15 4.95
C LEU A 337 18.09 -0.83 5.87
N VAL A 338 17.46 -1.93 5.46
CA VAL A 338 16.47 -2.58 6.33
C VAL A 338 17.20 -3.02 7.58
N SER A 339 18.46 -3.49 7.47
CA SER A 339 19.28 -3.80 8.64
C SER A 339 19.51 -2.61 9.54
N VAL A 340 20.09 -1.50 9.07
CA VAL A 340 20.27 -0.34 9.89
C VAL A 340 19.01 -0.08 10.73
N ARG A 341 17.88 -0.09 10.01
CA ARG A 341 16.59 0.15 10.64
C ARG A 341 16.35 -0.88 11.72
N THR A 342 16.46 -2.18 11.42
CA THR A 342 16.08 -3.17 12.42
C THR A 342 17.04 -3.25 13.60
N ARG A 343 18.33 -3.16 13.31
CA ARG A 343 19.44 -3.14 14.25
C ARG A 343 19.25 -2.07 15.31
N HIS A 344 18.91 -0.86 14.88
CA HIS A 344 18.73 0.16 15.87
C HIS A 344 17.32 0.22 16.39
N GLY A 345 16.47 -0.75 16.07
CA GLY A 345 15.13 -0.79 16.61
C GLY A 345 14.29 0.41 16.20
N ILE A 346 14.62 0.97 15.02
CA ILE A 346 13.89 2.08 14.45
C ILE A 346 12.54 1.41 14.14
N HIS A 347 11.46 2.14 14.33
CA HIS A 347 10.16 1.51 14.23
C HIS A 347 9.15 2.57 13.83
N ASN A 348 7.95 2.18 13.40
CA ASN A 348 6.95 3.12 12.93
C ASN A 348 6.78 4.40 13.73
N GLU A 349 6.95 4.38 15.05
CA GLU A 349 6.87 5.61 15.84
C GLU A 349 8.19 6.23 16.28
N SER A 350 9.32 5.97 15.64
CA SER A 350 10.55 6.62 16.00
C SER A 350 10.44 8.13 15.87
N LYS A 351 11.28 8.77 16.68
CA LYS A 351 11.38 10.22 16.71
C LYS A 351 12.24 10.69 15.56
N LEU A 352 11.82 11.79 14.92
CA LEU A 352 12.61 12.30 13.81
C LEU A 352 12.98 13.72 14.14
N GLN A 353 14.22 14.07 13.89
CA GLN A 353 14.59 15.45 14.04
C GLN A 353 15.29 15.79 12.73
N ILE A 354 14.83 16.82 12.02
CA ILE A 354 15.41 17.24 10.74
C ILE A 354 16.50 18.25 11.07
N ILE A 355 17.74 17.88 10.81
CA ILE A 355 18.87 18.75 11.05
C ILE A 355 18.90 19.83 9.97
N GLU A 356 18.89 19.49 8.69
CA GLU A 356 18.99 20.49 7.65
C GLU A 356 18.20 19.98 6.46
N ALA A 357 17.62 20.86 5.64
CA ALA A 357 16.89 20.48 4.44
C ALA A 357 17.05 21.69 3.56
N ASP A 358 18.04 21.55 2.73
CA ASP A 358 18.43 22.59 1.83
C ASP A 358 18.23 21.88 0.50
N ALA A 359 18.12 22.60 -0.59
CA ALA A 359 18.05 22.01 -1.91
C ALA A 359 18.93 20.82 -2.17
N ASP A 360 20.16 20.87 -1.66
CA ASP A 360 21.16 19.85 -1.97
C ASP A 360 21.57 18.96 -0.81
N LEU A 361 20.81 18.97 0.28
CA LEU A 361 21.16 18.20 1.43
C LEU A 361 19.93 18.09 2.30
N TYR A 362 19.66 16.88 2.75
CA TYR A 362 18.62 16.62 3.73
C TYR A 362 19.40 15.78 4.69
N LEU A 363 19.29 16.11 5.97
CA LEU A 363 20.08 15.45 6.99
C LEU A 363 19.11 15.32 8.10
N ALA A 364 18.82 14.12 8.58
CA ALA A 364 17.85 13.93 9.63
C ALA A 364 18.40 12.95 10.61
N GLU A 365 17.97 13.01 11.84
CA GLU A 365 18.45 12.09 12.82
C GLU A 365 17.25 11.35 13.40
N ILE A 366 17.29 10.02 13.33
CA ILE A 366 16.17 9.24 13.80
C ILE A 366 16.57 8.55 15.07
N ASP A 367 15.72 8.77 16.06
CA ASP A 367 15.81 8.18 17.37
C ASP A 367 17.09 8.40 18.14
N GLY A 368 17.91 9.36 17.73
CA GLY A 368 19.20 9.60 18.34
C GLY A 368 20.26 8.63 17.87
N LYS A 369 19.96 7.62 17.06
CA LYS A 369 20.94 6.63 16.73
C LYS A 369 21.36 6.63 15.29
N VAL A 370 20.62 7.23 14.36
CA VAL A 370 20.95 7.07 12.96
C VAL A 370 20.80 8.43 12.36
N ILE A 371 21.67 8.77 11.42
CA ILE A 371 21.53 10.01 10.69
C ILE A 371 21.58 9.62 9.22
N VAL A 372 20.71 10.24 8.41
CA VAL A 372 20.65 9.98 6.99
C VAL A 372 20.83 11.31 6.28
N LYS A 373 21.63 11.22 5.24
CA LYS A 373 21.94 12.36 4.43
C LYS A 373 21.52 11.89 3.08
N LEU A 374 20.78 12.77 2.46
CA LEU A 374 20.34 12.62 1.11
C LEU A 374 20.92 13.82 0.42
N GLY A 375 21.24 13.75 -0.86
CA GLY A 375 21.69 14.92 -1.55
C GLY A 375 23.13 14.83 -2.00
N PRO A 376 23.57 15.66 -2.97
CA PRO A 376 24.92 15.68 -3.50
C PRO A 376 25.91 16.51 -2.68
N ARG A 377 25.42 17.32 -1.73
CA ARG A 377 26.24 18.12 -0.87
C ARG A 377 27.34 17.24 -0.33
N TYR A 378 28.52 17.80 -0.55
CA TYR A 378 29.76 17.20 -0.14
C TYR A 378 30.22 17.61 1.27
N ASP A 379 30.30 18.92 1.50
CA ASP A 379 30.76 19.45 2.78
C ASP A 379 29.62 19.23 3.76
N VAL A 380 29.75 18.08 4.44
CA VAL A 380 28.74 17.63 5.38
C VAL A 380 29.21 17.32 6.81
N GLY A 381 30.40 16.74 7.01
CA GLY A 381 30.88 16.22 8.30
C GLY A 381 30.69 17.11 9.53
N ASN A 382 30.86 18.40 9.34
CA ASN A 382 30.68 19.38 10.39
C ASN A 382 29.33 19.27 11.11
N LEU A 383 28.29 18.74 10.45
CA LEU A 383 27.00 18.60 11.08
C LEU A 383 26.75 17.21 11.60
N ILE A 384 27.52 16.16 11.28
CA ILE A 384 27.13 14.88 11.82
C ILE A 384 27.97 14.71 13.08
N PRO A 385 27.37 14.44 14.25
CA PRO A 385 28.03 14.35 15.54
C PRO A 385 29.22 13.41 15.63
N GLY A 386 30.08 13.68 16.59
CA GLY A 386 31.17 12.76 16.90
C GLY A 386 30.48 11.58 17.58
N GLY A 387 30.81 10.35 17.19
CA GLY A 387 30.18 9.17 17.78
C GLY A 387 29.47 8.33 16.74
N PHE A 388 29.21 8.90 15.58
CA PHE A 388 28.55 8.20 14.54
C PHE A 388 29.54 7.77 13.49
N LYS A 389 29.30 6.60 12.93
CA LYS A 389 30.13 6.05 11.88
C LYS A 389 29.17 5.78 10.74
N VAL A 390 29.59 5.84 9.47
CA VAL A 390 28.69 5.60 8.36
C VAL A 390 28.34 4.11 8.32
N ALA A 391 27.02 3.84 8.27
CA ALA A 391 26.46 2.50 8.18
C ALA A 391 26.16 2.04 6.76
N ALA A 392 25.78 2.96 5.87
CA ALA A 392 25.46 2.63 4.49
C ALA A 392 25.65 3.87 3.69
N HIS A 393 25.91 3.69 2.42
CA HIS A 393 26.00 4.83 1.55
C HIS A 393 25.90 4.24 0.18
N GLY A 394 25.62 5.14 -0.71
CA GLY A 394 25.52 4.83 -2.09
C GLY A 394 25.34 6.14 -2.79
N ASN A 395 24.62 6.15 -3.89
CA ASN A 395 24.57 7.33 -4.72
C ASN A 395 24.35 8.74 -4.21
N ASP A 396 23.32 9.22 -3.53
CA ASP A 396 23.37 10.57 -3.00
C ASP A 396 22.63 10.42 -1.70
N TYR A 397 23.21 9.48 -0.98
CA TYR A 397 22.70 9.13 0.30
C TYR A 397 23.84 8.49 1.05
N ALA A 398 23.74 8.61 2.34
CA ALA A 398 24.68 8.00 3.26
C ALA A 398 23.90 8.05 4.54
N VAL A 399 24.05 7.02 5.36
CA VAL A 399 23.44 6.99 6.67
C VAL A 399 24.54 6.48 7.58
N TRP A 400 24.67 7.22 8.67
CA TRP A 400 25.57 6.98 9.78
C TRP A 400 24.70 6.38 10.84
N GLU A 401 25.33 5.65 11.73
CA GLU A 401 24.68 5.08 12.89
C GLU A 401 25.64 5.35 14.02
N LYS A 402 25.11 5.43 15.22
CA LYS A 402 25.92 5.72 16.37
C LYS A 402 26.50 4.42 16.88
N ILE A 403 27.82 4.62 17.00
CA ILE A 403 28.87 3.69 17.46
C ILE A 403 28.69 2.21 17.08
C2 BGC B . -5.87 10.91 -8.62
C3 BGC B . -6.19 9.62 -7.92
C4 BGC B . -6.00 8.52 -8.94
C5 BGC B . -4.62 8.63 -9.65
C6 BGC B . -4.14 7.58 -10.64
C1 BGC B . -4.36 10.96 -8.85
O1 BGC B . -3.94 12.24 -9.31
O2 BGC B . -6.40 11.99 -7.89
O3 BGC B . -7.51 9.62 -7.36
O4 BGC B . -6.06 7.29 -8.19
O5 BGC B . -4.00 9.94 -9.80
O6 BGC B . -3.94 8.25 -11.88
C1 DAF B . -7.03 6.35 -8.68
C2 DAF B . -7.77 5.63 -7.57
O2 DAF B . -8.21 6.50 -6.55
C3 DAF B . -6.85 4.56 -6.95
O3 DAF B . -7.51 4.01 -5.82
C4 DAF B . -6.55 3.50 -8.05
N4 DAF B . -5.74 2.42 -7.52
C5 DAF B . -5.86 4.22 -9.26
O5 DAF B . -6.42 5.48 -9.68
C6 DAF B . -5.00 3.54 -10.32
C1H DAF B . -6.30 1.08 -7.49
C2H DAF B . -5.36 -0.08 -7.76
O2H DAF B . -4.11 -0.05 -7.06
C3H DAF B . -5.22 -0.10 -9.28
O3H DAF B . -4.33 -1.13 -9.72
C4H DAF B . -6.62 -0.26 -9.96
O4H DAF B . -6.71 -0.69 -11.31
C5H DAF B . -7.87 0.10 -9.14
C6H DAF B . -7.66 0.76 -7.93
C7H DAF B . -9.29 -0.26 -9.63
O7H DAF B . -10.02 -1.20 -8.83
CA CA C . -18.26 3.34 -4.33
CA CA D . -23.74 -19.02 -6.44
CA CA E . -19.69 2.23 -10.93
C1 AF1 F . -2.87 18.37 13.49
C2 AF1 F . -3.79 17.65 12.49
C3 AF1 F . -4.30 16.38 13.13
C4 AF1 F . -3.12 15.43 13.43
C5 AF1 F . -1.94 16.22 14.13
C6 AF1 F . -0.93 15.65 15.14
O1 AF1 F . -2.67 19.73 13.10
O2 AF1 F . -4.86 18.51 12.17
O3 AF1 F . -5.31 15.65 12.43
O5 AF1 F . -1.68 17.56 13.68
N4 AF1 F . -3.85 14.57 14.34
C1H AF1 F . -3.78 13.14 14.34
C2H AF1 F . -5.11 12.52 14.74
C3H AF1 F . -5.22 12.52 16.24
C4H AF1 F . -4.04 11.70 16.82
C5H AF1 F . -2.65 11.87 16.10
C6H AF1 F . -2.61 12.50 14.85
C7H AF1 F . -1.33 11.36 16.69
O2H AF1 F . -6.18 13.29 14.21
O3H AF1 F . -6.50 11.99 16.60
O4H AF1 F . -4.27 10.82 17.95
O7H AF1 F . -0.22 12.28 16.62
#